data_3TQH
#
_entry.id   3TQH
#
_cell.length_a   52.911
_cell.length_b   52.911
_cell.length_c   221.122
_cell.angle_alpha   90.00
_cell.angle_beta   90.00
_cell.angle_gamma   90.00
#
_symmetry.space_group_name_H-M   'P 43 21 2'
#
loop_
_entity.id
_entity.type
_entity.pdbx_description
1 polymer 'Quinone oxidoreductase'
2 non-polymer 'NADPH DIHYDRO-NICOTINAMIDE-ADENINE-DINUCLEOTIDE PHOSPHATE'
3 non-polymer 'SULFATE ION'
4 water water
#
_entity_poly.entity_id   1
_entity_poly.type   'polypeptide(L)'
_entity_poly.pdbx_seq_one_letter_code
;SNA(MSE)KE(MSE)KAIQFDQFGPPKVLKLVDTPTPEYRKNQ(MSE)LIKVHAASLNPIDYKTRNGSGFVAKKLKNNLP
SGLGYDFSGEVIELGSDVNNVNIGDKV(MSE)GIAGFPDHPCCYAEYVCASPDTIIQKLEKLSFLQAASLPTAGLTALQA
LNQAEVKQGDVVLIHAGAGGVGHLAIQLAKQKGTTVITTASKRNHAFLKALGAEQCINYHEEDFLLAISTPVDAVIDLVG
GDVGIQSIDCLKETGCIVSVPTITAGRVIEVAKQKHRRAFGLLKQFNIEELHYLGKLVSEDKLRIEISRIFQLSEAVTAH
ELLETGHVRGKLVFKVR
;
_entity_poly.pdbx_strand_id   A
#
loop_
_chem_comp.id
_chem_comp.type
_chem_comp.name
_chem_comp.formula
NDP non-polymer 'NADPH DIHYDRO-NICOTINAMIDE-ADENINE-DINUCLEOTIDE PHOSPHATE' 'C21 H30 N7 O17 P3'
SO4 non-polymer 'SULFATE ION' 'O4 S -2'
#
# COMPACT_ATOMS: atom_id res chain seq x y z
N LYS A 5 2.03 -27.62 -15.55
CA LYS A 5 1.95 -27.06 -14.17
C LYS A 5 3.00 -25.98 -13.89
N GLU A 6 3.71 -25.53 -14.93
CA GLU A 6 4.74 -24.48 -14.78
C GLU A 6 4.19 -23.07 -14.98
N MSE A 7 4.90 -22.09 -14.41
CA MSE A 7 4.62 -20.68 -14.62
C MSE A 7 5.89 -19.86 -14.46
O MSE A 7 6.89 -20.34 -13.92
CB MSE A 7 3.58 -20.20 -13.60
CG MSE A 7 4.05 -20.29 -12.14
SE MSE A 7 2.94 -19.23 -10.96
CE MSE A 7 4.02 -19.29 -9.31
N LYS A 8 5.86 -18.62 -14.95
CA LYS A 8 6.92 -17.64 -14.71
C LYS A 8 6.60 -16.85 -13.44
N ALA A 9 7.63 -16.64 -12.62
CA ALA A 9 7.49 -15.88 -11.37
C ALA A 9 8.81 -15.26 -10.94
N ILE A 10 8.74 -14.12 -10.26
CA ILE A 10 9.93 -13.48 -9.71
C ILE A 10 10.24 -14.11 -8.36
N GLN A 11 11.46 -14.58 -8.18
CA GLN A 11 11.90 -15.08 -6.88
C GLN A 11 13.23 -14.46 -6.51
N PHE A 12 13.59 -14.58 -5.24
CA PHE A 12 14.92 -14.25 -4.79
C PHE A 12 15.42 -15.38 -3.89
N ASP A 13 16.70 -15.70 -4.02
CA ASP A 13 17.33 -16.79 -3.28
C ASP A 13 18.02 -16.31 -2.00
N GLN A 14 18.32 -15.01 -1.95
CA GLN A 14 19.03 -14.43 -0.82
C GLN A 14 18.58 -13.01 -0.61
N PHE A 15 18.68 -12.54 0.64
CA PHE A 15 18.39 -11.14 0.93
C PHE A 15 19.51 -10.29 0.39
N GLY A 16 19.17 -9.21 -0.30
CA GLY A 16 20.20 -8.34 -0.85
C GLY A 16 19.61 -7.20 -1.64
N PRO A 17 20.42 -6.61 -2.53
CA PRO A 17 19.98 -5.53 -3.42
C PRO A 17 19.01 -6.04 -4.48
N PRO A 18 18.41 -5.12 -5.25
CA PRO A 18 17.44 -5.47 -6.30
C PRO A 18 17.91 -6.54 -7.30
N LYS A 19 19.21 -6.61 -7.56
CA LYS A 19 19.77 -7.59 -8.50
C LYS A 19 19.48 -9.06 -8.14
N VAL A 20 19.10 -9.32 -6.89
CA VAL A 20 18.80 -10.70 -6.44
C VAL A 20 17.46 -11.22 -6.95
N LEU A 21 16.62 -10.35 -7.51
CA LEU A 21 15.37 -10.75 -8.12
C LEU A 21 15.63 -11.45 -9.45
N LYS A 22 14.98 -12.60 -9.67
CA LYS A 22 15.14 -13.36 -10.90
C LYS A 22 13.79 -13.80 -11.46
N LEU A 23 13.66 -13.74 -12.78
CA LEU A 23 12.51 -14.31 -13.47
C LEU A 23 12.80 -15.80 -13.60
N VAL A 24 11.97 -16.63 -12.97
CA VAL A 24 12.24 -18.05 -12.80
C VAL A 24 11.03 -18.89 -13.20
N ASP A 25 11.31 -20.07 -13.76
CA ASP A 25 10.29 -21.07 -14.00
C ASP A 25 10.01 -21.80 -12.69
N THR A 26 8.73 -21.91 -12.33
CA THR A 26 8.33 -22.47 -11.06
C THR A 26 6.94 -23.09 -11.19
N PRO A 27 6.60 -24.04 -10.29
CA PRO A 27 5.29 -24.68 -10.37
C PRO A 27 4.14 -23.74 -10.02
N THR A 28 2.94 -24.08 -10.49
CA THR A 28 1.74 -23.34 -10.11
C THR A 28 1.47 -23.60 -8.64
N PRO A 29 0.97 -22.60 -7.91
CA PRO A 29 0.62 -22.79 -6.51
C PRO A 29 -0.37 -23.93 -6.30
N GLU A 30 -0.21 -24.65 -5.21
CA GLU A 30 -1.23 -25.58 -4.74
C GLU A 30 -2.36 -24.78 -4.12
N TYR A 31 -3.58 -25.29 -4.22
CA TYR A 31 -4.72 -24.64 -3.58
C TYR A 31 -5.54 -25.69 -2.85
N ARG A 32 -5.97 -25.35 -1.65
CA ARG A 32 -6.84 -26.20 -0.83
C ARG A 32 -8.26 -26.18 -1.38
N LYS A 33 -9.11 -27.01 -0.78
CA LYS A 33 -10.52 -27.11 -1.17
C LYS A 33 -11.33 -25.83 -0.90
N ASN A 34 -10.84 -24.96 -0.01
CA ASN A 34 -11.47 -23.65 0.23
C ASN A 34 -10.73 -22.46 -0.39
N GLN A 35 -9.79 -22.74 -1.29
CA GLN A 35 -9.03 -21.70 -1.99
C GLN A 35 -9.25 -21.80 -3.51
N MSE A 36 -8.63 -20.90 -4.26
CA MSE A 36 -8.76 -20.88 -5.73
C MSE A 36 -7.43 -20.56 -6.41
O MSE A 36 -6.50 -20.08 -5.76
CB MSE A 36 -9.81 -19.84 -6.14
CG MSE A 36 -9.46 -18.41 -5.76
SE MSE A 36 -11.02 -17.21 -5.63
CE MSE A 36 -12.12 -18.27 -4.41
N LEU A 37 -7.34 -20.86 -7.70
CA LEU A 37 -6.18 -20.49 -8.50
C LEU A 37 -6.58 -19.38 -9.45
N ILE A 38 -5.78 -18.31 -9.47
CA ILE A 38 -6.07 -17.10 -10.25
C ILE A 38 -5.01 -16.90 -11.33
N LYS A 39 -5.44 -16.69 -12.58
CA LYS A 39 -4.55 -16.21 -13.63
C LYS A 39 -4.35 -14.71 -13.44
N VAL A 40 -3.12 -14.29 -13.14
CA VAL A 40 -2.83 -12.89 -12.81
C VAL A 40 -2.74 -12.00 -14.05
N HIS A 41 -3.50 -10.90 -14.03
CA HIS A 41 -3.44 -9.89 -15.08
C HIS A 41 -2.55 -8.72 -14.67
N ALA A 42 -2.59 -8.36 -13.39
CA ALA A 42 -1.78 -7.25 -12.88
C ALA A 42 -1.40 -7.46 -11.41
N ALA A 43 -0.26 -6.90 -11.01
CA ALA A 43 0.23 -6.98 -9.64
C ALA A 43 1.05 -5.74 -9.30
N SER A 44 0.69 -5.05 -8.21
CA SER A 44 1.34 -3.79 -7.88
C SER A 44 2.45 -3.98 -6.88
N LEU A 45 3.38 -3.03 -6.88
CA LEU A 45 4.52 -3.02 -5.96
C LEU A 45 4.22 -2.17 -4.74
N ASN A 46 4.69 -2.63 -3.59
CA ASN A 46 4.65 -1.86 -2.35
C ASN A 46 6.03 -1.90 -1.70
N PRO A 47 6.36 -0.87 -0.90
CA PRO A 47 7.64 -0.85 -0.19
C PRO A 47 7.95 -2.11 0.65
N ILE A 48 6.92 -2.68 1.28
CA ILE A 48 7.06 -3.95 1.99
C ILE A 48 7.80 -5.00 1.13
N ASP A 49 7.58 -4.96 -0.18
CA ASP A 49 8.28 -5.85 -1.11
C ASP A 49 9.81 -5.71 -1.03
N TYR A 50 10.34 -4.48 -1.06
CA TYR A 50 11.80 -4.29 -1.03
C TYR A 50 12.43 -4.47 0.36
N LYS A 51 11.65 -4.16 1.40
CA LYS A 51 12.08 -4.37 2.78
C LYS A 51 12.17 -5.85 3.11
N THR A 52 11.33 -6.66 2.47
CA THR A 52 11.38 -8.11 2.63
C THR A 52 12.61 -8.62 1.89
N ARG A 53 12.74 -8.19 0.64
CA ARG A 53 13.84 -8.59 -0.24
C ARG A 53 15.22 -8.21 0.30
N ASN A 54 15.35 -7.03 0.91
CA ASN A 54 16.65 -6.65 1.49
C ASN A 54 16.88 -7.22 2.90
N GLY A 55 15.84 -7.83 3.47
CA GLY A 55 15.97 -8.59 4.71
C GLY A 55 15.74 -7.78 5.97
N SER A 56 15.32 -6.52 5.82
CA SER A 56 15.16 -5.62 6.96
C SER A 56 13.82 -5.82 7.66
N GLY A 57 12.80 -6.23 6.91
CA GLY A 57 11.44 -6.32 7.44
C GLY A 57 11.20 -7.50 8.37
N PHE A 58 10.08 -7.45 9.08
CA PHE A 58 9.66 -8.54 9.96
C PHE A 58 9.28 -9.80 9.17
N VAL A 59 8.74 -9.62 7.97
CA VAL A 59 8.40 -10.75 7.12
C VAL A 59 9.65 -11.52 6.71
N ALA A 60 10.75 -10.80 6.50
CA ALA A 60 12.06 -11.41 6.22
C ALA A 60 12.52 -12.35 7.33
N LYS A 61 12.10 -12.07 8.56
CA LYS A 61 12.40 -12.92 9.72
C LYS A 61 11.85 -14.34 9.51
N LYS A 62 10.61 -14.42 9.04
CA LYS A 62 9.93 -15.72 8.82
C LYS A 62 10.45 -16.45 7.56
N LEU A 63 10.79 -15.69 6.52
CA LEU A 63 11.31 -16.27 5.28
C LEU A 63 12.80 -16.61 5.35
N LYS A 64 13.46 -16.24 6.45
CA LYS A 64 14.91 -16.43 6.63
C LYS A 64 15.41 -17.82 6.25
N ASN A 65 14.73 -18.86 6.74
CA ASN A 65 15.13 -20.23 6.47
C ASN A 65 14.23 -20.91 5.42
N ASN A 66 13.52 -20.12 4.64
CA ASN A 66 12.52 -20.65 3.70
C ASN A 66 12.63 -20.09 2.27
N LEU A 67 13.80 -19.60 1.90
CA LEU A 67 14.03 -19.10 0.55
C LEU A 67 14.34 -20.27 -0.39
N PRO A 68 14.13 -20.09 -1.71
CA PRO A 68 13.68 -18.86 -2.39
C PRO A 68 12.21 -18.52 -2.13
N SER A 69 11.91 -17.23 -2.23
CA SER A 69 10.57 -16.72 -1.99
C SER A 69 10.12 -15.86 -3.16
N GLY A 70 8.82 -15.87 -3.42
CA GLY A 70 8.20 -14.88 -4.30
C GLY A 70 8.08 -13.54 -3.60
N LEU A 71 7.40 -12.60 -4.25
CA LEU A 71 7.15 -11.27 -3.71
C LEU A 71 5.81 -10.73 -4.19
N GLY A 72 5.24 -9.81 -3.42
CA GLY A 72 4.03 -9.10 -3.82
C GLY A 72 2.77 -9.64 -3.17
N TYR A 73 1.87 -8.73 -2.77
CA TYR A 73 0.62 -9.10 -2.13
C TYR A 73 -0.62 -8.67 -2.95
N ASP A 74 -0.50 -7.61 -3.73
CA ASP A 74 -1.63 -7.02 -4.45
C ASP A 74 -1.75 -7.66 -5.81
N PHE A 75 -2.97 -8.04 -6.21
CA PHE A 75 -3.15 -8.66 -7.51
C PHE A 75 -4.53 -8.42 -8.10
N SER A 76 -4.61 -8.69 -9.39
CA SER A 76 -5.81 -8.54 -10.18
C SER A 76 -5.76 -9.66 -11.22
N GLY A 77 -6.90 -10.30 -11.50
CA GLY A 77 -6.91 -11.42 -12.44
C GLY A 77 -8.20 -12.22 -12.57
N GLU A 78 -8.08 -13.39 -13.19
CA GLU A 78 -9.24 -14.25 -13.50
C GLU A 78 -9.14 -15.57 -12.73
N VAL A 79 -10.26 -16.01 -12.15
CA VAL A 79 -10.32 -17.29 -11.46
C VAL A 79 -10.32 -18.42 -12.47
N ILE A 80 -9.34 -19.32 -12.36
CA ILE A 80 -9.14 -20.39 -13.34
C ILE A 80 -9.50 -21.76 -12.78
N GLU A 81 -9.17 -22.00 -11.51
CA GLU A 81 -9.53 -23.23 -10.82
C GLU A 81 -10.10 -22.88 -9.45
N LEU A 82 -11.04 -23.71 -9.00
CA LEU A 82 -11.71 -23.53 -7.71
C LEU A 82 -11.62 -24.80 -6.88
N GLY A 83 -11.47 -24.63 -5.58
CA GLY A 83 -11.53 -25.74 -4.65
C GLY A 83 -12.93 -26.30 -4.56
N SER A 84 -13.04 -27.54 -4.09
CA SER A 84 -14.33 -28.23 -3.98
C SER A 84 -15.34 -27.49 -3.11
N ASP A 85 -14.87 -26.77 -2.09
CA ASP A 85 -15.75 -26.18 -1.08
C ASP A 85 -15.96 -24.67 -1.19
N VAL A 86 -15.52 -24.05 -2.29
CA VAL A 86 -15.74 -22.61 -2.50
C VAL A 86 -17.13 -22.38 -3.10
N ASN A 87 -17.95 -21.58 -2.41
CA ASN A 87 -19.38 -21.44 -2.74
C ASN A 87 -19.76 -20.22 -3.58
N ASN A 88 -19.15 -19.07 -3.27
CA ASN A 88 -19.60 -17.79 -3.83
C ASN A 88 -18.76 -17.23 -5.00
N VAL A 89 -17.68 -17.92 -5.36
CA VAL A 89 -16.89 -17.54 -6.54
C VAL A 89 -17.17 -18.51 -7.70
N ASN A 90 -17.05 -18.03 -8.93
CA ASN A 90 -17.17 -18.86 -10.13
C ASN A 90 -15.93 -18.81 -11.01
N ILE A 91 -15.69 -19.88 -11.75
CA ILE A 91 -14.62 -19.92 -12.75
C ILE A 91 -14.92 -18.86 -13.80
N GLY A 92 -13.90 -18.07 -14.14
CA GLY A 92 -14.05 -16.98 -15.11
C GLY A 92 -14.30 -15.62 -14.48
N ASP A 93 -14.58 -15.57 -13.19
CA ASP A 93 -14.82 -14.31 -12.50
C ASP A 93 -13.55 -13.46 -12.51
N LYS A 94 -13.71 -12.15 -12.76
CA LYS A 94 -12.60 -11.21 -12.67
C LYS A 94 -12.54 -10.72 -11.23
N VAL A 95 -11.36 -10.85 -10.62
CA VAL A 95 -11.20 -10.57 -9.19
C VAL A 95 -9.98 -9.72 -8.87
N MSE A 96 -10.01 -9.14 -7.68
CA MSE A 96 -8.94 -8.27 -7.20
C MSE A 96 -8.81 -8.46 -5.69
O MSE A 96 -9.81 -8.68 -5.00
CB MSE A 96 -9.27 -6.81 -7.52
CG MSE A 96 -10.70 -6.41 -7.18
SE MSE A 96 -11.11 -4.53 -7.44
CE MSE A 96 -9.64 -3.75 -6.39
N GLY A 97 -7.59 -8.38 -5.19
CA GLY A 97 -7.38 -8.54 -3.77
C GLY A 97 -5.94 -8.76 -3.37
N ILE A 98 -5.77 -9.47 -2.25
CA ILE A 98 -4.48 -9.71 -1.62
C ILE A 98 -4.26 -11.20 -1.55
N ALA A 99 -3.05 -11.65 -1.86
CA ALA A 99 -2.72 -13.07 -1.79
C ALA A 99 -1.46 -13.30 -0.98
N GLY A 100 -1.49 -14.33 -0.13
CA GLY A 100 -0.32 -14.75 0.62
C GLY A 100 0.13 -13.81 1.71
N PHE A 101 -0.75 -12.93 2.17
CA PHE A 101 -0.37 -11.93 3.16
C PHE A 101 -0.50 -12.51 4.56
N PRO A 102 0.56 -12.36 5.38
CA PRO A 102 1.86 -11.75 5.08
C PRO A 102 3.00 -12.73 4.77
N ASP A 103 2.88 -13.98 5.20
CA ASP A 103 4.05 -14.88 5.25
C ASP A 103 4.41 -15.60 3.94
N HIS A 104 3.57 -15.48 2.91
CA HIS A 104 3.81 -16.16 1.64
C HIS A 104 3.64 -15.23 0.44
N PRO A 105 4.44 -14.14 0.38
CA PRO A 105 4.30 -13.20 -0.75
C PRO A 105 4.57 -13.90 -2.07
N CYS A 106 3.79 -13.57 -3.10
CA CYS A 106 3.69 -14.45 -4.27
C CYS A 106 3.12 -13.85 -5.56
N CYS A 107 2.85 -12.55 -5.58
CA CYS A 107 2.05 -11.96 -6.67
C CYS A 107 2.85 -11.51 -7.90
N TYR A 108 4.17 -11.33 -7.79
CA TYR A 108 5.00 -11.11 -8.97
C TYR A 108 5.08 -12.43 -9.73
N ALA A 109 3.98 -12.81 -10.38
CA ALA A 109 3.84 -14.15 -10.96
C ALA A 109 2.59 -14.28 -11.83
N GLU A 110 2.56 -15.30 -12.67
CA GLU A 110 1.46 -15.51 -13.60
C GLU A 110 0.23 -16.12 -12.95
N TYR A 111 0.41 -16.83 -11.84
CA TYR A 111 -0.68 -17.45 -11.09
C TYR A 111 -0.49 -17.26 -9.60
N VAL A 112 -1.60 -17.01 -8.89
CA VAL A 112 -1.58 -16.96 -7.43
C VAL A 112 -2.71 -17.81 -6.85
N CYS A 113 -2.48 -18.26 -5.62
CA CYS A 113 -3.50 -18.93 -4.83
C CYS A 113 -4.10 -17.91 -3.88
N ALA A 114 -5.42 -17.91 -3.75
CA ALA A 114 -6.10 -16.95 -2.87
C ALA A 114 -7.36 -17.54 -2.23
N SER A 115 -7.70 -17.00 -1.06
CA SER A 115 -8.91 -17.35 -0.35
C SER A 115 -10.01 -16.40 -0.82
N PRO A 116 -11.27 -16.87 -0.86
CA PRO A 116 -12.36 -15.95 -1.19
C PRO A 116 -12.55 -14.81 -0.18
N ASP A 117 -11.96 -14.95 1.00
CA ASP A 117 -12.04 -13.93 2.06
C ASP A 117 -11.11 -12.75 1.79
N THR A 118 -10.11 -12.94 0.94
CA THR A 118 -9.15 -11.86 0.64
C THR A 118 -9.23 -11.36 -0.83
N ILE A 119 -10.39 -11.53 -1.45
CA ILE A 119 -10.64 -10.97 -2.79
C ILE A 119 -12.05 -10.37 -2.87
N ILE A 120 -12.27 -9.55 -3.89
CA ILE A 120 -13.62 -9.16 -4.30
C ILE A 120 -13.75 -9.25 -5.82
N GLN A 121 -14.99 -9.17 -6.32
CA GLN A 121 -15.23 -9.08 -7.77
C GLN A 121 -14.71 -7.72 -8.23
N LYS A 122 -13.88 -7.72 -9.27
CA LYS A 122 -13.48 -6.47 -9.92
C LYS A 122 -14.69 -5.85 -10.61
N LEU A 123 -14.95 -4.57 -10.34
CA LEU A 123 -15.98 -3.84 -11.06
C LEU A 123 -15.61 -3.74 -12.55
N GLU A 124 -16.61 -3.77 -13.42
CA GLU A 124 -16.35 -3.77 -14.88
C GLU A 124 -15.58 -2.53 -15.33
N LYS A 125 -15.92 -1.37 -14.77
CA LYS A 125 -15.30 -0.11 -15.18
C LYS A 125 -13.82 0.00 -14.78
N LEU A 126 -13.41 -0.77 -13.78
CA LEU A 126 -12.01 -0.81 -13.35
C LEU A 126 -11.16 -1.61 -14.33
N SER A 127 -10.01 -1.06 -14.72
CA SER A 127 -9.03 -1.86 -15.45
C SER A 127 -8.35 -2.80 -14.46
N PHE A 128 -7.72 -3.86 -14.98
CA PHE A 128 -6.96 -4.78 -14.15
C PHE A 128 -5.78 -4.09 -13.46
N LEU A 129 -5.09 -3.21 -14.19
CA LEU A 129 -3.98 -2.43 -13.62
C LEU A 129 -4.45 -1.55 -12.45
N GLN A 130 -5.59 -0.88 -12.62
CA GLN A 130 -6.16 -0.11 -11.52
C GLN A 130 -6.54 -1.00 -10.34
N ALA A 131 -7.15 -2.14 -10.63
CA ALA A 131 -7.60 -3.06 -9.58
C ALA A 131 -6.44 -3.62 -8.74
N ALA A 132 -5.30 -3.87 -9.36
CA ALA A 132 -4.14 -4.43 -8.66
C ALA A 132 -3.38 -3.36 -7.88
N SER A 133 -3.55 -2.10 -8.26
CA SER A 133 -2.85 -1.00 -7.63
C SER A 133 -3.55 -0.49 -6.37
N LEU A 134 -4.79 -0.91 -6.16
CA LEU A 134 -5.65 -0.33 -5.14
C LEU A 134 -5.60 -0.98 -3.74
N PRO A 135 -5.60 -2.33 -3.63
CA PRO A 135 -5.86 -2.96 -2.34
C PRO A 135 -5.00 -2.52 -1.15
N THR A 136 -3.68 -2.68 -1.22
CA THR A 136 -2.83 -2.32 -0.09
C THR A 136 -2.86 -0.81 0.19
N ALA A 137 -2.53 -0.01 -0.84
CA ALA A 137 -2.44 1.45 -0.69
C ALA A 137 -3.76 2.06 -0.23
N GLY A 138 -4.85 1.65 -0.88
CA GLY A 138 -6.17 2.18 -0.58
C GLY A 138 -6.70 1.78 0.78
N LEU A 139 -6.57 0.50 1.13
CA LEU A 139 -7.05 0.03 2.42
C LEU A 139 -6.25 0.66 3.55
N THR A 140 -4.96 0.89 3.32
CA THR A 140 -4.12 1.53 4.33
C THR A 140 -4.52 2.99 4.52
N ALA A 141 -4.64 3.73 3.42
CA ALA A 141 -5.07 5.12 3.48
C ALA A 141 -6.36 5.24 4.29
N LEU A 142 -7.36 4.43 3.95
CA LEU A 142 -8.68 4.52 4.58
C LEU A 142 -8.63 4.18 6.06
N GLN A 143 -8.00 3.07 6.39
CA GLN A 143 -7.93 2.59 7.77
C GLN A 143 -7.09 3.50 8.66
N ALA A 144 -6.11 4.20 8.08
CA ALA A 144 -5.35 5.19 8.82
C ALA A 144 -6.22 6.39 9.16
N LEU A 145 -6.97 6.89 8.17
CA LEU A 145 -7.89 7.99 8.40
C LEU A 145 -8.97 7.63 9.43
N ASN A 146 -9.47 6.39 9.38
CA ASN A 146 -10.45 5.89 10.35
C ASN A 146 -9.87 5.75 11.76
N GLN A 147 -8.66 5.23 11.87
CA GLN A 147 -7.99 5.16 13.17
C GLN A 147 -7.84 6.55 13.81
N ALA A 148 -7.57 7.56 12.98
CA ALA A 148 -7.48 8.95 13.42
C ALA A 148 -8.85 9.62 13.66
N GLU A 149 -9.94 8.92 13.35
CA GLU A 149 -11.30 9.45 13.53
C GLU A 149 -11.44 10.86 12.96
N VAL A 150 -10.99 11.01 11.73
CA VAL A 150 -11.08 12.27 11.01
C VAL A 150 -12.55 12.66 10.71
N LYS A 151 -12.93 13.88 11.09
CA LYS A 151 -14.26 14.44 10.81
C LYS A 151 -14.11 15.74 10.01
N GLN A 152 -15.21 16.25 9.47
CA GLN A 152 -15.20 17.55 8.80
C GLN A 152 -14.78 18.65 9.78
N GLY A 153 -13.91 19.55 9.32
CA GLY A 153 -13.37 20.62 10.15
C GLY A 153 -11.95 20.36 10.64
N ASP A 154 -11.60 19.08 10.80
CA ASP A 154 -10.30 18.68 11.34
C ASP A 154 -9.17 19.05 10.40
N VAL A 155 -8.02 19.40 11.00
CA VAL A 155 -6.81 19.62 10.23
C VAL A 155 -6.01 18.32 10.26
N VAL A 156 -5.56 17.88 9.09
CA VAL A 156 -4.86 16.62 8.97
C VAL A 156 -3.55 16.81 8.20
N LEU A 157 -2.45 16.35 8.82
CA LEU A 157 -1.14 16.37 8.20
C LEU A 157 -0.83 14.95 7.71
N ILE A 158 -0.66 14.80 6.40
CA ILE A 158 -0.32 13.52 5.78
C ILE A 158 1.10 13.63 5.22
N HIS A 159 2.05 12.96 5.87
CA HIS A 159 3.43 12.92 5.37
C HIS A 159 3.50 12.06 4.12
N ALA A 160 4.45 12.38 3.24
CA ALA A 160 4.68 11.58 2.04
C ALA A 160 3.43 11.50 1.18
N GLY A 161 2.83 12.66 0.93
CA GLY A 161 1.53 12.73 0.25
C GLY A 161 1.51 12.28 -1.19
N ALA A 162 2.66 12.31 -1.86
CA ALA A 162 2.73 12.01 -3.31
C ALA A 162 2.86 10.52 -3.61
N GLY A 163 3.07 9.70 -2.58
CA GLY A 163 3.34 8.28 -2.77
C GLY A 163 2.12 7.39 -2.87
N GLY A 164 2.36 6.09 -2.76
CA GLY A 164 1.32 5.09 -2.90
C GLY A 164 0.13 5.33 -2.00
N VAL A 165 0.36 5.26 -0.69
CA VAL A 165 -0.72 5.46 0.28
C VAL A 165 -1.15 6.92 0.32
N GLY A 166 -0.17 7.82 0.34
CA GLY A 166 -0.40 9.25 0.54
C GLY A 166 -1.41 9.88 -0.41
N HIS A 167 -1.20 9.68 -1.72
CA HIS A 167 -2.02 10.36 -2.73
C HIS A 167 -3.49 9.95 -2.64
N LEU A 168 -3.73 8.72 -2.15
CA LEU A 168 -5.09 8.25 -1.90
C LEU A 168 -5.65 8.86 -0.62
N ALA A 169 -4.83 8.86 0.44
CA ALA A 169 -5.20 9.42 1.73
C ALA A 169 -5.60 10.88 1.62
N ILE A 170 -4.82 11.65 0.88
CA ILE A 170 -5.14 13.05 0.61
C ILE A 170 -6.52 13.20 -0.01
N GLN A 171 -6.83 12.37 -1.01
CA GLN A 171 -8.11 12.46 -1.69
C GLN A 171 -9.23 12.05 -0.75
N LEU A 172 -9.02 10.95 -0.03
CA LEU A 172 -10.00 10.47 0.94
C LEU A 172 -10.21 11.47 2.08
N ALA A 173 -9.14 12.11 2.54
CA ALA A 173 -9.25 13.12 3.61
C ALA A 173 -10.01 14.36 3.14
N LYS A 174 -9.81 14.76 1.89
CA LYS A 174 -10.53 15.88 1.29
C LYS A 174 -12.01 15.57 1.19
N GLN A 175 -12.33 14.35 0.78
CA GLN A 175 -13.73 13.90 0.69
C GLN A 175 -14.42 13.81 2.06
N LYS A 176 -13.64 13.67 3.13
CA LYS A 176 -14.19 13.69 4.50
C LYS A 176 -14.47 15.11 4.98
N GLY A 177 -13.96 16.11 4.25
CA GLY A 177 -14.19 17.51 4.60
C GLY A 177 -13.12 18.10 5.49
N THR A 178 -11.92 17.52 5.46
CA THR A 178 -10.84 17.97 6.33
C THR A 178 -9.88 18.92 5.60
N THR A 179 -9.23 19.78 6.38
CA THR A 179 -8.13 20.60 5.87
C THR A 179 -6.88 19.71 5.81
N VAL A 180 -6.32 19.56 4.61
CA VAL A 180 -5.21 18.63 4.40
C VAL A 180 -3.90 19.39 4.19
N ILE A 181 -2.94 19.12 5.09
CA ILE A 181 -1.57 19.59 4.98
C ILE A 181 -0.75 18.37 4.61
N THR A 182 0.25 18.54 3.76
CA THR A 182 1.10 17.41 3.40
C THR A 182 2.53 17.82 3.14
N THR A 183 3.43 16.84 3.17
CA THR A 183 4.84 17.08 2.86
C THR A 183 5.25 16.37 1.56
N ALA A 184 5.92 17.11 0.68
CA ALA A 184 6.43 16.56 -0.58
C ALA A 184 7.50 17.46 -1.19
N SER A 185 8.19 16.95 -2.21
CA SER A 185 9.10 17.76 -3.02
C SER A 185 8.35 18.89 -3.73
N LYS A 186 9.07 19.96 -4.03
CA LYS A 186 8.53 21.06 -4.84
C LYS A 186 7.89 20.52 -6.12
N ARG A 187 8.56 19.54 -6.71
CA ARG A 187 8.10 18.84 -7.91
C ARG A 187 6.69 18.25 -7.81
N ASN A 188 6.26 17.88 -6.61
CA ASN A 188 4.94 17.26 -6.38
C ASN A 188 3.88 18.23 -5.82
N HIS A 189 4.26 19.47 -5.57
CA HIS A 189 3.38 20.50 -5.01
C HIS A 189 2.08 20.64 -5.82
N ALA A 190 2.23 20.94 -7.11
CA ALA A 190 1.09 21.10 -8.02
C ALA A 190 0.21 19.86 -8.12
N PHE A 191 0.84 18.69 -8.16
CA PHE A 191 0.13 17.42 -8.20
C PHE A 191 -0.78 17.24 -6.97
N LEU A 192 -0.23 17.55 -5.79
CA LEU A 192 -0.96 17.35 -4.54
C LEU A 192 -2.04 18.41 -4.30
N LYS A 193 -1.78 19.64 -4.72
CA LYS A 193 -2.80 20.70 -4.65
C LYS A 193 -4.02 20.28 -5.45
N ALA A 194 -3.78 19.78 -6.66
CA ALA A 194 -4.85 19.32 -7.55
C ALA A 194 -5.67 18.15 -6.99
N LEU A 195 -5.04 17.33 -6.14
CA LEU A 195 -5.73 16.20 -5.49
C LEU A 195 -6.51 16.61 -4.22
N GLY A 196 -6.30 17.84 -3.74
CA GLY A 196 -7.06 18.37 -2.61
C GLY A 196 -6.28 18.90 -1.43
N ALA A 197 -4.95 18.83 -1.47
CA ALA A 197 -4.14 19.41 -0.40
C ALA A 197 -4.33 20.93 -0.37
N GLU A 198 -4.48 21.49 0.82
CA GLU A 198 -4.56 22.94 0.99
C GLU A 198 -3.17 23.55 1.12
N GLN A 199 -2.27 22.82 1.79
CA GLN A 199 -0.90 23.26 1.97
C GLN A 199 0.05 22.11 1.66
N CYS A 200 1.04 22.36 0.81
CA CYS A 200 2.10 21.41 0.54
C CYS A 200 3.43 21.97 1.03
N ILE A 201 3.96 21.36 2.09
CA ILE A 201 5.22 21.82 2.68
C ILE A 201 6.41 21.17 1.97
N ASN A 202 7.33 22.00 1.48
CA ASN A 202 8.56 21.51 0.89
C ASN A 202 9.52 21.15 2.02
N TYR A 203 9.58 19.86 2.33
CA TYR A 203 10.31 19.38 3.51
C TYR A 203 11.84 19.41 3.38
N HIS A 204 12.35 19.67 2.17
CA HIS A 204 13.78 19.88 1.97
C HIS A 204 14.22 21.27 2.34
N GLU A 205 13.28 22.22 2.31
CA GLU A 205 13.62 23.64 2.40
C GLU A 205 13.70 24.13 3.85
N GLU A 206 12.83 23.56 4.70
CA GLU A 206 12.85 23.87 6.14
C GLU A 206 12.16 22.76 6.94
N ASP A 207 12.37 22.80 8.24
CA ASP A 207 11.67 21.94 9.19
C ASP A 207 10.17 22.09 8.95
N PHE A 208 9.50 20.98 8.67
CA PHE A 208 8.07 21.02 8.33
C PHE A 208 7.23 21.60 9.46
N LEU A 209 7.68 21.43 10.71
CA LEU A 209 6.98 22.00 11.86
C LEU A 209 6.84 23.51 11.74
N LEU A 210 7.90 24.18 11.27
CA LEU A 210 7.92 25.63 11.13
C LEU A 210 6.89 26.13 10.12
N ALA A 211 6.60 25.32 9.12
CA ALA A 211 5.63 25.66 8.08
C ALA A 211 4.18 25.50 8.54
N ILE A 212 3.96 24.74 9.62
CA ILE A 212 2.61 24.49 10.12
C ILE A 212 2.17 25.57 11.12
N SER A 213 1.14 26.32 10.73
CA SER A 213 0.69 27.51 11.47
C SER A 213 0.05 27.19 12.80
N THR A 214 -0.77 26.14 12.81
CA THR A 214 -1.64 25.84 13.95
C THR A 214 -1.57 24.35 14.29
N PRO A 215 -1.84 24.00 15.56
CA PRO A 215 -1.98 22.62 15.98
C PRO A 215 -2.93 21.78 15.11
N VAL A 216 -2.54 20.53 14.90
CA VAL A 216 -3.18 19.63 13.95
C VAL A 216 -3.96 18.57 14.73
N ASP A 217 -5.08 18.12 14.17
CA ASP A 217 -5.94 17.10 14.81
C ASP A 217 -5.42 15.68 14.59
N ALA A 218 -4.82 15.42 13.43
CA ALA A 218 -4.27 14.10 13.16
C ALA A 218 -3.06 14.19 12.24
N VAL A 219 -2.08 13.34 12.51
CA VAL A 219 -0.95 13.17 11.62
C VAL A 219 -1.01 11.75 11.08
N ILE A 220 -1.15 11.61 9.76
CA ILE A 220 -0.98 10.32 9.11
C ILE A 220 0.48 10.23 8.70
N ASP A 221 1.27 9.59 9.56
CA ASP A 221 2.72 9.53 9.37
C ASP A 221 3.07 8.32 8.51
N LEU A 222 3.42 8.58 7.25
CA LEU A 222 3.77 7.52 6.31
C LEU A 222 5.28 7.42 6.10
N VAL A 223 6.07 8.13 6.91
CA VAL A 223 7.55 8.06 6.84
C VAL A 223 8.14 7.36 8.08
N GLY A 224 7.63 7.68 9.25
CA GLY A 224 8.10 7.06 10.48
C GLY A 224 9.46 7.60 10.89
N GLY A 225 10.13 6.87 11.78
CA GLY A 225 11.43 7.29 12.27
C GLY A 225 11.32 8.65 12.89
N ASP A 226 12.29 9.51 12.60
CA ASP A 226 12.38 10.83 13.23
C ASP A 226 11.33 11.82 12.74
N VAL A 227 10.85 11.64 11.50
CA VAL A 227 9.77 12.47 10.97
C VAL A 227 8.50 12.27 11.78
N GLY A 228 8.19 11.00 12.07
CA GLY A 228 7.08 10.64 12.94
C GLY A 228 7.23 11.21 14.34
N ILE A 229 8.42 11.08 14.91
CA ILE A 229 8.72 11.65 16.23
C ILE A 229 8.51 13.16 16.24
N GLN A 230 9.04 13.83 15.23
CA GLN A 230 8.92 15.29 15.10
C GLN A 230 7.45 15.71 15.00
N SER A 231 6.63 14.90 14.33
CA SER A 231 5.23 15.24 14.07
C SER A 231 4.39 15.37 15.35
N ILE A 232 4.81 14.70 16.41
CA ILE A 232 4.14 14.77 17.70
C ILE A 232 4.02 16.21 18.22
N ASP A 233 5.03 17.04 17.95
CA ASP A 233 5.05 18.43 18.41
C ASP A 233 3.96 19.34 17.80
N CYS A 234 3.36 18.93 16.69
CA CYS A 234 2.33 19.76 16.04
C CYS A 234 0.90 19.34 16.39
N LEU A 235 0.75 18.26 17.14
CA LEU A 235 -0.57 17.78 17.56
C LEU A 235 -1.23 18.68 18.60
N LYS A 236 -2.54 18.86 18.46
CA LYS A 236 -3.37 19.41 19.53
C LYS A 236 -3.36 18.49 20.74
N GLU A 237 -3.76 19.02 21.90
CA GLU A 237 -3.96 18.21 23.09
C GLU A 237 -4.75 16.93 22.77
N THR A 238 -5.85 17.09 22.03
CA THR A 238 -6.73 15.97 21.68
C THR A 238 -6.33 15.23 20.40
N GLY A 239 -5.26 15.65 19.75
CA GLY A 239 -4.86 15.05 18.48
C GLY A 239 -4.18 13.72 18.64
N CYS A 240 -4.11 12.97 17.54
CA CYS A 240 -3.44 11.68 17.54
C CYS A 240 -2.57 11.51 16.30
N ILE A 241 -1.52 10.72 16.44
CA ILE A 241 -0.66 10.35 15.33
C ILE A 241 -0.85 8.86 15.01
N VAL A 242 -1.05 8.57 13.72
CA VAL A 242 -1.08 7.21 13.21
C VAL A 242 0.20 7.01 12.42
N SER A 243 1.15 6.30 13.03
CA SER A 243 2.43 6.04 12.40
C SER A 243 2.38 4.70 11.70
N VAL A 244 2.41 4.73 10.37
CA VAL A 244 2.06 3.58 9.51
C VAL A 244 3.21 2.57 9.28
N PRO A 245 4.46 3.04 9.09
CA PRO A 245 5.54 2.04 8.99
C PRO A 245 5.69 1.31 10.31
N THR A 246 5.71 -0.02 10.24
CA THR A 246 5.61 -0.86 11.42
C THR A 246 6.88 -0.89 12.26
N ILE A 247 8.04 -0.73 11.62
CA ILE A 247 9.32 -0.90 12.31
C ILE A 247 9.59 0.14 13.41
N THR A 248 9.12 1.37 13.22
CA THR A 248 9.29 2.43 14.23
C THR A 248 7.96 2.82 14.90
N ALA A 249 6.91 2.04 14.70
CA ALA A 249 5.61 2.33 15.31
C ALA A 249 5.71 2.39 16.83
N GLY A 250 6.35 1.39 17.41
CA GLY A 250 6.50 1.31 18.87
C GLY A 250 7.25 2.49 19.45
N ARG A 251 8.34 2.88 18.79
CA ARG A 251 9.17 3.99 19.22
C ARG A 251 8.38 5.31 19.17
N VAL A 252 7.63 5.51 18.08
CA VAL A 252 6.83 6.72 17.90
C VAL A 252 5.71 6.82 18.96
N ILE A 253 5.06 5.71 19.24
CA ILE A 253 3.99 5.66 20.23
C ILE A 253 4.52 5.98 21.63
N GLU A 254 5.71 5.47 21.95
CA GLU A 254 6.33 5.73 23.25
C GLU A 254 6.64 7.22 23.43
N VAL A 255 7.24 7.85 22.43
CA VAL A 255 7.56 9.29 22.54
C VAL A 255 6.27 10.11 22.62
N ALA A 256 5.24 9.69 21.89
CA ALA A 256 3.93 10.34 21.99
C ALA A 256 3.39 10.26 23.42
N LYS A 257 3.43 9.05 23.99
CA LYS A 257 2.99 8.84 25.38
C LYS A 257 3.72 9.77 26.33
N GLN A 258 5.03 9.95 26.12
CA GLN A 258 5.83 10.83 26.98
C GLN A 258 5.46 12.30 26.78
N LYS A 259 5.02 12.66 25.58
CA LYS A 259 4.49 14.01 25.33
C LYS A 259 3.00 14.10 25.68
N HIS A 260 2.44 13.02 26.25
CA HIS A 260 1.05 12.96 26.67
C HIS A 260 0.09 13.14 25.49
N ARG A 261 0.44 12.51 24.37
CA ARG A 261 -0.35 12.57 23.15
C ARG A 261 -0.77 11.17 22.69
N ARG A 262 -1.95 11.08 22.07
CA ARG A 262 -2.46 9.81 21.56
C ARG A 262 -1.68 9.36 20.31
N ALA A 263 -1.32 8.09 20.27
CA ALA A 263 -0.59 7.54 19.14
C ALA A 263 -1.09 6.14 18.80
N PHE A 264 -1.08 5.81 17.52
CA PHE A 264 -1.48 4.51 17.03
C PHE A 264 -0.49 4.01 15.99
N GLY A 265 -0.30 2.69 15.93
CA GLY A 265 0.30 2.05 14.79
C GLY A 265 -0.82 1.71 13.82
N LEU A 266 -0.47 1.00 12.74
CA LEU A 266 -1.46 0.49 11.81
C LEU A 266 -0.95 -0.77 11.16
N LEU A 267 -1.77 -1.82 11.20
CA LEU A 267 -1.58 -3.03 10.41
C LEU A 267 -2.77 -3.17 9.48
N LYS A 268 -2.52 -2.96 8.18
CA LYS A 268 -3.55 -3.09 7.15
C LYS A 268 -4.24 -4.44 7.23
N GLN A 269 -5.57 -4.41 7.32
CA GLN A 269 -6.38 -5.63 7.28
C GLN A 269 -7.21 -5.65 6.01
N PHE A 270 -7.47 -6.84 5.47
CA PHE A 270 -8.37 -6.96 4.33
C PHE A 270 -9.82 -6.75 4.78
N ASN A 271 -10.50 -5.81 4.14
CA ASN A 271 -11.92 -5.56 4.40
C ASN A 271 -12.73 -5.51 3.11
N ILE A 272 -13.58 -6.51 2.93
CA ILE A 272 -14.41 -6.65 1.73
C ILE A 272 -15.25 -5.40 1.46
N GLU A 273 -15.90 -4.88 2.50
CA GLU A 273 -16.80 -3.72 2.38
C GLU A 273 -16.05 -2.44 2.00
N GLU A 274 -14.87 -2.23 2.60
CA GLU A 274 -14.05 -1.05 2.30
C GLU A 274 -13.45 -1.09 0.90
N LEU A 275 -12.95 -2.24 0.48
CA LEU A 275 -12.38 -2.38 -0.86
C LEU A 275 -13.46 -2.25 -1.96
N HIS A 276 -14.63 -2.82 -1.72
CA HIS A 276 -15.81 -2.58 -2.55
C HIS A 276 -16.04 -1.07 -2.72
N TYR A 277 -15.98 -0.37 -1.58
CA TYR A 277 -16.20 1.07 -1.52
C TYR A 277 -15.12 1.83 -2.29
N LEU A 278 -13.86 1.52 -2.02
CA LEU A 278 -12.73 2.17 -2.71
C LEU A 278 -12.78 1.93 -4.22
N GLY A 279 -13.09 0.71 -4.62
CA GLY A 279 -13.18 0.37 -6.03
C GLY A 279 -14.32 1.08 -6.75
N LYS A 280 -15.44 1.27 -6.06
CA LYS A 280 -16.58 2.00 -6.61
C LYS A 280 -16.19 3.45 -6.91
N LEU A 281 -15.55 4.10 -5.93
CA LEU A 281 -15.06 5.47 -6.09
C LEU A 281 -14.17 5.59 -7.32
N VAL A 282 -13.24 4.66 -7.47
CA VAL A 282 -12.33 4.69 -8.62
C VAL A 282 -13.08 4.54 -9.95
N SER A 283 -14.06 3.64 -9.99
CA SER A 283 -14.86 3.43 -11.20
C SER A 283 -15.73 4.63 -11.55
N GLU A 284 -16.15 5.38 -10.53
CA GLU A 284 -16.99 6.57 -10.72
C GLU A 284 -16.16 7.87 -10.90
N ASP A 285 -14.86 7.73 -11.14
CA ASP A 285 -13.93 8.86 -11.25
C ASP A 285 -14.01 9.82 -10.04
N LYS A 286 -14.24 9.25 -8.86
CA LYS A 286 -14.31 10.03 -7.61
C LYS A 286 -13.04 9.87 -6.77
N LEU A 287 -12.20 8.92 -7.16
CA LEU A 287 -10.89 8.70 -6.54
C LEU A 287 -9.94 8.29 -7.64
N ARG A 288 -8.81 8.98 -7.75
CA ARG A 288 -7.82 8.67 -8.78
C ARG A 288 -6.73 7.78 -8.21
N ILE A 289 -6.42 6.70 -8.92
CA ILE A 289 -5.23 5.91 -8.67
C ILE A 289 -4.19 6.31 -9.69
N GLU A 290 -3.15 6.98 -9.22
CA GLU A 290 -2.04 7.41 -10.06
C GLU A 290 -1.09 6.24 -10.26
N ILE A 291 -1.06 5.72 -11.48
CA ILE A 291 -0.08 4.73 -11.87
C ILE A 291 1.01 5.45 -12.67
N SER A 292 2.17 5.66 -12.05
CA SER A 292 3.24 6.45 -12.67
C SER A 292 4.08 5.63 -13.66
N ARG A 293 4.23 4.33 -13.42
CA ARG A 293 4.89 3.48 -14.41
C ARG A 293 4.39 2.03 -14.40
N ILE A 294 4.31 1.45 -15.59
CA ILE A 294 3.88 0.08 -15.81
C ILE A 294 5.07 -0.75 -16.25
N PHE A 295 5.34 -1.84 -15.54
CA PHE A 295 6.49 -2.71 -15.82
C PHE A 295 6.06 -4.11 -16.27
N GLN A 296 6.93 -4.78 -17.03
CA GLN A 296 6.84 -6.24 -17.15
C GLN A 296 7.58 -6.90 -15.97
N LEU A 297 7.24 -8.14 -15.64
CA LEU A 297 7.95 -8.90 -14.60
C LEU A 297 9.44 -8.99 -14.92
N SER A 298 9.75 -9.08 -16.21
CA SER A 298 11.12 -9.05 -16.71
C SER A 298 11.95 -7.83 -16.23
N GLU A 299 11.27 -6.75 -15.87
CA GLU A 299 11.91 -5.51 -15.43
C GLU A 299 11.88 -5.34 -13.91
N ALA A 300 11.74 -6.44 -13.17
CA ALA A 300 11.58 -6.37 -11.71
C ALA A 300 12.73 -5.66 -11.00
N VAL A 301 13.97 -5.95 -11.40
CA VAL A 301 15.14 -5.34 -10.77
C VAL A 301 15.06 -3.81 -10.87
N THR A 302 14.87 -3.32 -12.09
CA THR A 302 14.69 -1.90 -12.37
C THR A 302 13.57 -1.29 -11.52
N ALA A 303 12.43 -1.98 -11.50
CA ALA A 303 11.25 -1.55 -10.74
C ALA A 303 11.55 -1.38 -9.26
N HIS A 304 12.25 -2.37 -8.70
CA HIS A 304 12.61 -2.33 -7.28
C HIS A 304 13.64 -1.25 -6.96
N GLU A 305 14.58 -0.99 -7.87
CA GLU A 305 15.52 0.12 -7.73
C GLU A 305 14.79 1.46 -7.66
N LEU A 306 13.80 1.63 -8.53
CA LEU A 306 13.01 2.87 -8.56
C LEU A 306 12.20 3.00 -7.27
N LEU A 307 11.51 1.94 -6.90
CA LEU A 307 10.70 1.92 -5.67
C LEU A 307 11.52 2.25 -4.41
N GLU A 308 12.73 1.69 -4.32
CA GLU A 308 13.61 1.90 -3.15
C GLU A 308 14.17 3.30 -3.00
N THR A 309 14.09 4.12 -4.05
CA THR A 309 14.51 5.52 -3.93
C THR A 309 13.66 6.26 -2.89
N GLY A 310 12.44 5.79 -2.69
CA GLY A 310 11.48 6.44 -1.81
C GLY A 310 10.85 7.67 -2.43
N HIS A 311 10.95 7.82 -3.75
CA HIS A 311 10.41 8.99 -4.44
C HIS A 311 9.43 8.66 -5.57
N VAL A 312 8.81 7.49 -5.49
CA VAL A 312 7.77 7.13 -6.45
C VAL A 312 6.53 7.98 -6.19
N ARG A 313 6.01 8.60 -7.24
CA ARG A 313 4.73 9.29 -7.20
C ARG A 313 3.68 8.24 -7.53
N GLY A 314 2.66 8.12 -6.68
CA GLY A 314 1.61 7.12 -6.90
C GLY A 314 2.09 5.68 -6.84
N LYS A 315 1.70 4.88 -7.83
CA LYS A 315 1.92 3.43 -7.81
C LYS A 315 2.72 2.95 -8.99
N LEU A 316 3.58 1.96 -8.73
CA LEU A 316 4.22 1.17 -9.78
C LEU A 316 3.43 -0.12 -9.88
N VAL A 317 3.29 -0.65 -11.10
CA VAL A 317 2.53 -1.87 -11.29
C VAL A 317 3.12 -2.77 -12.38
N PHE A 318 3.04 -4.08 -12.15
CA PHE A 318 3.40 -5.06 -13.15
C PHE A 318 2.15 -5.38 -13.98
N LYS A 319 2.29 -5.28 -15.30
CA LYS A 319 1.30 -5.82 -16.21
C LYS A 319 1.75 -7.23 -16.56
N VAL A 320 1.02 -8.22 -16.06
CA VAL A 320 1.39 -9.63 -16.29
C VAL A 320 0.73 -10.13 -17.57
N ARG A 321 -0.51 -9.69 -17.79
CA ARG A 321 -1.22 -9.90 -19.05
C ARG A 321 -2.00 -8.63 -19.41
PA NDP B . 5.91 5.12 -1.25
O1A NDP B . 7.21 4.55 -1.66
O2A NDP B . 4.91 4.99 -2.33
O5B NDP B . 6.07 6.67 -0.87
C5B NDP B . 6.93 7.49 -1.66
C4B NDP B . 6.70 8.95 -1.31
O4B NDP B . 7.36 9.25 -0.10
C3B NDP B . 7.25 9.93 -2.35
O3B NDP B . 6.18 10.52 -3.05
C2B NDP B . 8.05 10.95 -1.56
O2B NDP B . 7.69 12.28 -1.85
C1B NDP B . 7.70 10.61 -0.11
N9A NDP B . 8.78 10.86 0.86
C8A NDP B . 10.00 10.21 0.90
N7A NDP B . 10.69 10.70 1.96
C5A NDP B . 9.94 11.63 2.58
C6A NDP B . 10.18 12.43 3.69
N6A NDP B . 11.33 12.32 4.33
N1A NDP B . 9.22 13.32 4.12
C2A NDP B . 8.02 13.40 3.43
N3A NDP B . 7.77 12.61 2.32
C4A NDP B . 8.73 11.74 1.90
O3 NDP B . 5.40 4.44 0.12
PN NDP B . 3.87 4.03 0.48
O1N NDP B . 3.51 2.83 -0.29
O2N NDP B . 2.97 5.19 0.47
O5D NDP B . 4.10 3.57 2.00
C5D NDP B . 4.69 4.43 2.97
C4D NDP B . 5.14 3.62 4.18
O4D NDP B . 4.03 2.98 4.78
C3D NDP B . 6.13 2.53 3.78
O3D NDP B . 7.20 2.52 4.69
C2D NDP B . 5.32 1.25 3.83
O2D NDP B . 6.12 0.12 4.14
C1D NDP B . 4.28 1.59 4.91
N1N NDP B . 3.01 0.83 4.82
C2N NDP B . 2.55 0.22 5.96
C3N NDP B . 1.40 -0.56 5.96
C7N NDP B . 0.91 -1.22 7.22
O7N NDP B . -0.26 -2.01 7.16
N7N NDP B . 1.58 -1.07 8.36
C4N NDP B . 0.65 -0.73 4.67
C5N NDP B . 1.20 -0.03 3.47
C6N NDP B . 2.36 0.73 3.61
P2B NDP B . 8.68 13.26 -2.67
O1X NDP B . 7.91 14.48 -3.07
O2X NDP B . 9.19 12.56 -3.91
O3X NDP B . 9.86 13.68 -1.82
S SO4 C . 5.66 -2.19 6.73
O1 SO4 C . 4.67 -2.26 5.65
O2 SO4 C . 5.43 -1.01 7.56
O3 SO4 C . 5.59 -3.39 7.54
O4 SO4 C . 6.99 -2.11 6.15
S SO4 D . -6.51 -3.82 -18.47
O1 SO4 D . -6.05 -5.10 -19.01
O2 SO4 D . -6.89 -2.93 -19.57
O3 SO4 D . -7.69 -4.02 -17.65
O4 SO4 D . -5.42 -3.22 -17.68
#